data_7G1F
#
_entry.id   7G1F
#
_cell.length_a   32.596
_cell.length_b   53.702
_cell.length_c   74.718
_cell.angle_alpha   90.000
_cell.angle_beta   90.000
_cell.angle_gamma   90.000
#
_symmetry.space_group_name_H-M   'P 21 21 21'
#
loop_
_entity.id
_entity.type
_entity.pdbx_description
1 polymer 'Fatty acid-binding protein, adipocyte'
2 non-polymer 4-methyl-N-{[(3aR,4R,5R,7R,7aR)-octahydro-1H-4,7-methanoinden-5-yl]carbamoyl}benzene-1-sulfonamide
3 non-polymer 'SULFATE ION'
4 non-polymer 'FORMIC ACID'
5 water water
#
_entity_poly.entity_id   1
_entity_poly.type   'polypeptide(L)'
_entity_poly.pdbx_seq_one_letter_code
;GSHMCDAFVGTWKLVSSENFDDYMKEVGVGFATRKVAGMAKPNMIISVNGDVITIKSESTFKNTEISFILGQEFDEVTAD
DRKVKSTITLDGGVLVHVQKWDGKSTTIKRKREDDKLVVECVMKGVTSTRVYERA
;
_entity_poly.pdbx_strand_id   A
#
loop_
_chem_comp.id
_chem_comp.type
_chem_comp.name
_chem_comp.formula
FMT non-polymer 'FORMIC ACID' 'C H2 O2'
SO4 non-polymer 'SULFATE ION' 'O4 S -2'
WNW non-polymer 4-methyl-N-{[(3aR,4R,5R,7R,7aR)-octahydro-1H-4,7-methanoinden-5-yl]carbamoyl}benzene-1-sulfonamide 'C18 H24 N2 O3 S'
#
# COMPACT_ATOMS: atom_id res chain seq x y z
N SER A 2 21.65 -11.36 0.29
CA SER A 2 20.28 -11.20 -0.27
C SER A 2 19.26 -11.60 0.77
N HIS A 3 18.07 -11.13 0.57
CA HIS A 3 17.15 -11.25 1.60
C HIS A 3 15.81 -11.04 1.24
N MET A 4 15.15 -10.66 2.36
CA MET A 4 13.72 -10.97 2.61
C MET A 4 12.81 -10.32 1.55
N CYS A 5 13.12 -9.13 1.17
CA CYS A 5 12.24 -8.50 0.27
C CYS A 5 12.91 -8.13 -1.00
N ASP A 6 13.92 -8.82 -1.43
CA ASP A 6 14.69 -8.28 -2.56
C ASP A 6 13.90 -8.05 -3.75
N ALA A 7 12.94 -8.91 -4.07
CA ALA A 7 12.15 -8.78 -5.32
C ALA A 7 11.12 -7.61 -5.25
N PHE A 8 10.93 -7.03 -4.07
CA PHE A 8 10.10 -5.81 -3.94
C PHE A 8 10.90 -4.53 -4.12
N VAL A 9 12.21 -4.55 -3.84
CA VAL A 9 12.97 -3.32 -3.81
CA VAL A 9 12.93 -3.30 -3.78
C VAL A 9 13.00 -2.67 -5.17
N GLY A 10 12.89 -1.36 -5.20
CA GLY A 10 13.00 -0.60 -6.40
C GLY A 10 11.95 0.52 -6.46
N THR A 11 11.78 1.02 -7.68
CA THR A 11 10.90 2.14 -7.95
C THR A 11 9.82 1.61 -8.93
N TRP A 12 8.59 1.80 -8.56
CA TRP A 12 7.44 1.19 -9.23
C TRP A 12 6.46 2.27 -9.61
N LYS A 13 5.78 2.15 -10.74
CA LYS A 13 4.78 3.13 -11.19
C LYS A 13 3.45 2.43 -11.41
N LEU A 14 2.35 3.12 -10.99
CA LEU A 14 1.00 2.56 -11.15
C LEU A 14 0.66 2.43 -12.65
N VAL A 15 0.20 1.29 -13.06
CA VAL A 15 -0.28 1.08 -14.41
C VAL A 15 -1.72 0.74 -14.55
N SER A 16 -2.41 0.19 -13.54
CA SER A 16 -3.84 -0.06 -13.65
C SER A 16 -4.46 -0.11 -12.27
N SER A 17 -5.75 0.09 -12.23
CA SER A 17 -6.54 0.04 -10.99
C SER A 17 -7.92 -0.47 -11.30
N GLU A 18 -8.48 -1.23 -10.37
CA GLU A 18 -9.85 -1.67 -10.43
C GLU A 18 -10.46 -1.56 -9.06
N ASN A 19 -11.69 -1.03 -9.01
CA ASN A 19 -12.53 -1.02 -7.79
CA ASN A 19 -12.55 -0.96 -7.86
C ASN A 19 -12.00 -0.13 -6.70
N PHE A 20 -11.08 0.78 -6.99
CA PHE A 20 -10.45 1.56 -5.93
C PHE A 20 -11.42 2.58 -5.30
N ASP A 21 -12.25 3.23 -6.10
CA ASP A 21 -13.24 4.14 -5.50
C ASP A 21 -14.16 3.36 -4.52
N ASP A 22 -14.63 2.19 -4.92
CA ASP A 22 -15.51 1.43 -4.04
C ASP A 22 -14.77 0.98 -2.77
N TYR A 23 -13.50 0.60 -2.89
CA TYR A 23 -12.72 0.27 -1.69
C TYR A 23 -12.63 1.49 -0.77
N MET A 24 -12.31 2.67 -1.32
CA MET A 24 -12.21 3.85 -0.51
C MET A 24 -13.57 4.19 0.16
N LYS A 25 -14.67 4.01 -0.58
CA LYS A 25 -15.99 4.23 0.05
C LYS A 25 -16.16 3.33 1.27
N GLU A 26 -15.78 2.06 1.12
CA GLU A 26 -15.95 1.08 2.21
CA GLU A 26 -15.95 1.15 2.26
C GLU A 26 -15.07 1.53 3.43
N VAL A 27 -13.86 2.05 3.19
CA VAL A 27 -13.00 2.52 4.23
C VAL A 27 -13.55 3.74 4.95
N GLY A 28 -14.37 4.52 4.26
CA GLY A 28 -14.96 5.76 4.79
C GLY A 28 -14.34 7.02 4.25
N VAL A 29 -13.56 6.98 3.19
CA VAL A 29 -12.96 8.15 2.59
C VAL A 29 -14.08 9.03 1.97
N GLY A 30 -14.02 10.32 2.23
CA GLY A 30 -15.00 11.25 1.71
C GLY A 30 -14.82 11.54 0.22
N PHE A 31 -15.86 12.14 -0.36
CA PHE A 31 -15.96 12.33 -1.80
C PHE A 31 -14.72 13.05 -2.36
N ALA A 32 -14.35 14.21 -1.85
CA ALA A 32 -13.30 14.98 -2.52
C ALA A 32 -11.96 14.24 -2.47
N THR A 33 -11.65 13.66 -1.30
CA THR A 33 -10.40 12.88 -1.20
C THR A 33 -10.47 11.70 -2.14
N ARG A 34 -11.62 11.00 -2.23
CA ARG A 34 -11.67 9.90 -3.17
C ARG A 34 -11.38 10.35 -4.57
N LYS A 35 -11.92 11.49 -4.99
CA LYS A 35 -11.72 11.90 -6.38
C LYS A 35 -10.24 12.19 -6.64
N VAL A 36 -9.60 12.94 -5.78
CA VAL A 36 -8.21 13.33 -6.02
CA VAL A 36 -8.20 13.36 -6.02
C VAL A 36 -7.27 12.17 -5.79
N ALA A 37 -7.50 11.36 -4.75
CA ALA A 37 -6.65 10.19 -4.52
C ALA A 37 -6.84 9.12 -5.58
N GLY A 38 -8.07 8.97 -6.10
CA GLY A 38 -8.30 8.03 -7.17
C GLY A 38 -7.64 8.41 -8.47
N MET A 39 -7.48 9.73 -8.70
CA MET A 39 -6.79 10.24 -9.84
C MET A 39 -5.29 10.11 -9.75
N ALA A 40 -4.74 9.90 -8.56
CA ALA A 40 -3.29 9.82 -8.38
C ALA A 40 -2.71 8.65 -9.18
N LYS A 41 -1.48 8.87 -9.63
CA LYS A 41 -0.70 7.83 -10.34
C LYS A 41 0.61 7.69 -9.60
N PRO A 42 0.62 7.03 -8.43
CA PRO A 42 1.80 7.07 -7.58
CA PRO A 42 1.79 7.09 -7.57
C PRO A 42 2.98 6.28 -8.14
N ASN A 43 4.15 6.77 -7.70
CA ASN A 43 5.35 5.96 -7.73
CA ASN A 43 5.43 6.10 -7.75
C ASN A 43 5.63 5.49 -6.34
N MET A 44 5.82 4.19 -6.22
CA MET A 44 6.07 3.51 -4.95
C MET A 44 7.55 3.11 -4.97
N ILE A 45 8.27 3.55 -3.93
CA ILE A 45 9.70 3.31 -3.82
CA ILE A 45 9.71 3.34 -3.79
C ILE A 45 9.93 2.48 -2.57
N ILE A 46 10.46 1.27 -2.75
CA ILE A 46 10.63 0.31 -1.66
C ILE A 46 12.14 0.08 -1.51
N SER A 47 12.62 0.19 -0.29
CA SER A 47 14.03 -0.02 0.01
C SER A 47 14.16 -0.74 1.34
N VAL A 48 15.33 -1.37 1.52
CA VAL A 48 15.61 -2.12 2.74
C VAL A 48 17.01 -1.74 3.20
N ASN A 49 17.16 -1.50 4.50
CA ASN A 49 18.47 -1.21 5.10
C ASN A 49 18.48 -2.01 6.41
N GLY A 50 19.25 -3.10 6.42
CA GLY A 50 19.19 -4.00 7.57
C GLY A 50 17.83 -4.65 7.72
N ASP A 51 17.27 -4.51 8.92
CA ASP A 51 15.91 -5.01 9.18
C ASP A 51 14.83 -3.98 8.89
N VAL A 52 15.20 -2.79 8.49
CA VAL A 52 14.21 -1.73 8.30
C VAL A 52 13.81 -1.63 6.83
N ILE A 53 12.52 -1.77 6.58
CA ILE A 53 11.94 -1.59 5.26
C ILE A 53 11.32 -0.20 5.18
N THR A 54 11.53 0.51 4.08
CA THR A 54 10.91 1.80 3.85
C THR A 54 10.07 1.72 2.58
N ILE A 55 8.83 2.19 2.67
CA ILE A 55 7.92 2.31 1.53
C ILE A 55 7.53 3.77 1.42
N LYS A 56 7.89 4.39 0.28
CA LYS A 56 7.51 5.77 -0.04
C LYS A 56 6.46 5.71 -1.15
N SER A 57 5.47 6.57 -1.10
CA SER A 57 4.47 6.73 -2.19
C SER A 57 4.49 8.20 -2.58
N GLU A 58 4.84 8.47 -3.83
CA GLU A 58 4.95 9.83 -4.32
C GLU A 58 3.95 10.04 -5.43
N SER A 59 3.11 11.07 -5.27
CA SER A 59 2.10 11.40 -6.29
C SER A 59 1.79 12.86 -6.19
N THR A 60 0.96 13.35 -7.10
CA THR A 60 0.53 14.73 -7.02
C THR A 60 -0.39 14.96 -5.86
N PHE A 61 -1.04 13.91 -5.34
CA PHE A 61 -1.96 14.02 -4.21
C PHE A 61 -1.22 14.15 -2.87
N LYS A 62 -0.31 13.25 -2.61
CA LYS A 62 0.43 13.22 -1.38
CA LYS A 62 0.46 13.22 -1.38
C LYS A 62 1.77 12.48 -1.59
N ASN A 63 2.74 12.88 -0.81
CA ASN A 63 4.00 12.11 -0.67
C ASN A 63 4.00 11.54 0.72
N THR A 64 4.04 10.21 0.87
CA THR A 64 4.05 9.53 2.15
C THR A 64 5.31 8.67 2.26
N GLU A 65 5.71 8.37 3.48
CA GLU A 65 6.82 7.49 3.74
C GLU A 65 6.55 6.74 5.04
N ILE A 66 6.70 5.43 5.03
CA ILE A 66 6.69 4.64 6.26
C ILE A 66 7.98 3.81 6.30
N SER A 67 8.49 3.63 7.52
CA SER A 67 9.59 2.71 7.79
C SER A 67 9.17 1.79 8.93
N PHE A 68 9.58 0.54 8.86
CA PHE A 68 9.08 -0.46 9.80
C PHE A 68 9.98 -1.69 9.76
N ILE A 69 9.81 -2.49 10.82
CA ILE A 69 10.40 -3.81 10.94
C ILE A 69 9.25 -4.81 10.86
N LEU A 70 9.45 -5.90 10.11
CA LEU A 70 8.38 -6.89 9.97
C LEU A 70 7.95 -7.40 11.34
N GLY A 71 6.62 -7.47 11.51
CA GLY A 71 6.03 -7.99 12.72
C GLY A 71 5.91 -7.01 13.86
N GLN A 72 6.41 -5.78 13.68
CA GLN A 72 6.52 -4.79 14.79
C GLN A 72 5.60 -3.63 14.50
N GLU A 73 4.55 -3.49 15.28
CA GLU A 73 3.51 -2.51 15.06
CA GLU A 73 3.50 -2.51 15.06
C GLU A 73 4.06 -1.09 15.10
N PHE A 74 3.43 -0.21 14.34
CA PHE A 74 3.77 1.20 14.31
C PHE A 74 2.51 2.01 14.11
N ASP A 75 2.58 3.29 14.48
CA ASP A 75 1.50 4.23 14.21
C ASP A 75 1.76 4.90 12.86
N GLU A 76 0.73 4.99 12.05
CA GLU A 76 0.80 5.49 10.68
C GLU A 76 -0.30 6.55 10.49
N VAL A 77 0.01 7.63 9.76
CA VAL A 77 -1.03 8.55 9.26
C VAL A 77 -1.12 8.27 7.77
N THR A 78 -2.25 7.75 7.32
CA THR A 78 -2.42 7.38 5.95
C THR A 78 -2.61 8.60 5.05
N ALA A 79 -2.51 8.40 3.74
CA ALA A 79 -2.65 9.53 2.83
C ALA A 79 -4.06 10.15 2.89
N ASP A 80 -5.06 9.34 3.21
CA ASP A 80 -6.42 9.81 3.42
C ASP A 80 -6.67 10.33 4.85
N ASP A 81 -5.63 10.49 5.66
CA ASP A 81 -5.65 11.13 6.96
C ASP A 81 -6.32 10.29 8.02
N ARG A 82 -6.26 8.98 7.95
CA ARG A 82 -6.59 8.13 9.08
C ARG A 82 -5.36 7.95 9.95
N LYS A 83 -5.57 7.90 11.26
CA LYS A 83 -4.54 7.58 12.24
C LYS A 83 -4.76 6.13 12.61
N VAL A 84 -3.85 5.26 12.14
CA VAL A 84 -4.03 3.84 12.27
C VAL A 84 -2.83 3.18 12.99
N LYS A 85 -3.09 2.00 13.53
CA LYS A 85 -2.07 1.10 14.04
CA LYS A 85 -2.02 1.14 14.04
C LYS A 85 -1.80 0.06 13.00
N SER A 86 -0.58 -0.01 12.50
CA SER A 86 -0.22 -0.88 11.39
C SER A 86 0.77 -1.94 11.80
N THR A 87 0.63 -3.12 11.19
CA THR A 87 1.62 -4.18 11.32
C THR A 87 1.82 -4.78 9.95
N ILE A 88 3.09 -4.90 9.50
CA ILE A 88 3.42 -5.46 8.21
C ILE A 88 4.26 -6.71 8.44
N THR A 89 3.85 -7.80 7.81
CA THR A 89 4.53 -9.09 7.89
C THR A 89 4.74 -9.63 6.48
N LEU A 90 5.61 -10.62 6.37
CA LEU A 90 5.82 -11.36 5.14
CA LEU A 90 5.72 -11.46 5.14
C LEU A 90 5.17 -12.76 5.34
N ASP A 91 4.21 -13.15 4.56
CA ASP A 91 3.51 -14.39 4.67
C ASP A 91 3.62 -15.10 3.37
N GLY A 92 4.41 -16.16 3.33
CA GLY A 92 4.58 -16.82 2.09
C GLY A 92 4.93 -15.97 0.87
N GLY A 93 5.83 -15.10 1.11
CA GLY A 93 6.33 -14.19 0.06
C GLY A 93 5.47 -12.96 -0.27
N VAL A 94 4.35 -12.79 0.41
CA VAL A 94 3.44 -11.67 0.27
C VAL A 94 3.62 -10.73 1.43
N LEU A 95 3.80 -9.44 1.16
CA LEU A 95 3.83 -8.39 2.24
CA LEU A 95 3.82 -8.44 2.22
C LEU A 95 2.38 -8.13 2.62
N VAL A 96 2.05 -8.30 3.89
CA VAL A 96 0.69 -8.15 4.40
C VAL A 96 0.68 -6.99 5.39
N HIS A 97 -0.06 -5.94 5.07
CA HIS A 97 -0.09 -4.68 5.82
C HIS A 97 -1.49 -4.49 6.38
N VAL A 98 -1.63 -4.66 7.70
CA VAL A 98 -2.92 -4.57 8.38
C VAL A 98 -2.98 -3.23 9.11
N GLN A 99 -4.05 -2.48 8.91
CA GLN A 99 -4.28 -1.19 9.53
C GLN A 99 -5.56 -1.29 10.42
N LYS A 100 -5.41 -0.90 11.68
CA LYS A 100 -6.51 -0.91 12.65
C LYS A 100 -6.81 0.50 13.11
N TRP A 101 -8.09 0.88 13.11
CA TRP A 101 -8.50 2.19 13.62
C TRP A 101 -9.98 2.16 13.88
N ASP A 102 -10.38 2.82 14.97
CA ASP A 102 -11.85 2.95 15.26
C ASP A 102 -12.60 1.65 15.22
N GLY A 103 -11.99 0.58 15.67
CA GLY A 103 -12.65 -0.72 15.65
C GLY A 103 -12.75 -1.39 14.29
N LYS A 104 -12.16 -0.78 13.27
CA LYS A 104 -12.17 -1.25 11.88
C LYS A 104 -10.80 -1.80 11.53
N SER A 105 -10.77 -2.53 10.40
CA SER A 105 -9.51 -3.10 9.92
C SER A 105 -9.54 -3.14 8.40
N THR A 106 -8.42 -2.83 7.77
CA THR A 106 -8.22 -3.01 6.34
C THR A 106 -6.85 -3.65 6.15
N THR A 107 -6.74 -4.45 5.07
CA THR A 107 -5.50 -5.17 4.77
C THR A 107 -5.06 -4.83 3.34
N ILE A 108 -3.80 -4.49 3.18
CA ILE A 108 -3.17 -4.24 1.90
C ILE A 108 -2.11 -5.31 1.69
N LYS A 109 -2.28 -6.12 0.65
CA LYS A 109 -1.30 -7.17 0.32
C LYS A 109 -0.53 -6.74 -0.92
N ARG A 110 0.77 -6.98 -0.91
CA ARG A 110 1.65 -6.63 -2.03
C ARG A 110 2.42 -7.90 -2.41
N LYS A 111 2.41 -8.24 -3.68
CA LYS A 111 3.07 -9.49 -4.14
C LYS A 111 3.67 -9.23 -5.53
N ARG A 112 4.74 -9.95 -5.79
CA ARG A 112 5.32 -9.96 -7.11
C ARG A 112 4.68 -11.04 -7.94
N GLU A 113 4.27 -10.63 -9.16
CA GLU A 113 3.63 -11.56 -10.14
CA GLU A 113 3.67 -11.56 -10.10
C GLU A 113 4.17 -11.19 -11.48
N ASP A 114 4.97 -12.08 -12.09
CA ASP A 114 5.64 -11.76 -13.33
C ASP A 114 6.46 -10.51 -13.09
N ASP A 115 6.43 -9.54 -13.99
CA ASP A 115 7.17 -8.33 -13.84
C ASP A 115 6.37 -7.21 -13.08
N LYS A 116 5.27 -7.57 -12.50
CA LYS A 116 4.42 -6.63 -11.78
C LYS A 116 4.56 -6.77 -10.28
N LEU A 117 4.19 -5.68 -9.62
CA LEU A 117 3.96 -5.69 -8.17
C LEU A 117 2.45 -5.38 -8.07
N VAL A 118 1.71 -6.37 -7.58
CA VAL A 118 0.26 -6.31 -7.47
C VAL A 118 -0.11 -5.95 -6.04
N VAL A 119 -0.97 -4.92 -5.89
CA VAL A 119 -1.42 -4.40 -4.62
C VAL A 119 -2.92 -4.73 -4.50
N GLU A 120 -3.32 -5.44 -3.47
CA GLU A 120 -4.70 -5.79 -3.23
CA GLU A 120 -4.71 -5.80 -3.23
C GLU A 120 -5.11 -5.14 -1.91
N CYS A 121 -6.10 -4.27 -1.97
CA CYS A 121 -6.62 -3.57 -0.80
C CYS A 121 -7.99 -4.16 -0.48
N VAL A 122 -8.22 -4.58 0.77
CA VAL A 122 -9.48 -5.23 1.13
C VAL A 122 -10.08 -4.54 2.34
N MET A 123 -11.35 -4.19 2.26
CA MET A 123 -12.11 -3.59 3.37
C MET A 123 -13.47 -4.35 3.32
N LYS A 124 -13.71 -5.15 4.40
CA LYS A 124 -14.86 -6.08 4.44
C LYS A 124 -14.92 -6.91 3.14
N GLY A 125 -16.00 -6.89 2.43
CA GLY A 125 -16.19 -7.66 1.22
C GLY A 125 -15.63 -7.00 -0.04
N VAL A 126 -15.03 -5.79 0.05
CA VAL A 126 -14.64 -5.03 -1.12
C VAL A 126 -13.14 -5.08 -1.32
N THR A 127 -12.74 -5.53 -2.49
CA THR A 127 -11.32 -5.62 -2.89
C THR A 127 -11.06 -4.69 -4.04
N SER A 128 -9.92 -4.00 -3.98
CA SER A 128 -9.37 -3.25 -5.10
C SER A 128 -8.01 -3.84 -5.46
N THR A 129 -7.78 -4.03 -6.74
CA THR A 129 -6.52 -4.56 -7.27
C THR A 129 -5.84 -3.47 -8.09
N ARG A 130 -4.59 -3.20 -7.76
CA ARG A 130 -3.79 -2.17 -8.41
CA ARG A 130 -3.84 -2.15 -8.46
C ARG A 130 -2.51 -2.79 -8.87
N VAL A 131 -2.09 -2.47 -10.06
CA VAL A 131 -0.92 -3.09 -10.64
C VAL A 131 0.16 -2.01 -10.85
N TYR A 132 1.36 -2.28 -10.37
CA TYR A 132 2.53 -1.47 -10.59
C TYR A 132 3.55 -2.23 -11.45
N GLU A 133 4.31 -1.46 -12.25
CA GLU A 133 5.43 -2.01 -13.03
CA GLU A 133 5.50 -2.12 -12.91
C GLU A 133 6.68 -1.25 -12.68
N ARG A 134 7.87 -1.75 -13.01
CA ARG A 134 9.11 -1.02 -12.71
C ARG A 134 9.12 0.27 -13.47
N ALA A 135 9.59 1.32 -12.80
CA ALA A 135 9.73 2.61 -13.41
C ALA A 135 10.88 2.65 -14.38
C01 WNW B . -3.43 3.67 1.13
C02 WNW B . -4.13 4.46 0.08
C04 WNW B . -4.40 3.69 2.29
C05 WNW B . -5.63 4.10 0.33
C06 WNW B . -4.01 5.95 0.23
C07 WNW B . -4.98 1.85 0.96
C10 WNW B . -6.32 5.45 0.57
C11 WNW B . -5.39 6.46 -0.08
O14 WNW B . -0.80 1.96 -0.13
C16 WNW B . -2.36 3.89 -3.35
C19 WNW B . -1.28 4.59 -2.98
C20 WNW B . -3.52 4.57 -3.71
C21 WNW B . -1.33 6.01 -2.89
C22 WNW B . -3.59 5.92 -3.67
C23 WNW B . -2.51 6.69 -3.29
C24 WNW B . -2.65 8.18 -3.21
C03 WNW B . -3.48 2.19 0.76
N08 WNW B . -3.02 1.88 -0.60
C09 WNW B . -5.58 3.15 1.49
C12 WNW B . -1.72 1.85 -0.97
N13 WNW B . -1.35 1.67 -2.30
S15 WNW B . -2.31 2.11 -3.43
O17 WNW B . -1.70 1.83 -4.70
O18 WNW B . -3.66 1.67 -3.37
H25 WNW B . -2.54 4.03 1.31
H26 WNW B . -3.84 4.23 -0.88
H28 WNW B . -4.59 4.62 2.59
H29 WNW B . -4.14 3.13 3.10
H30 WNW B . -6.00 3.66 -0.50
H32 WNW B . -3.36 6.32 -0.43
H31 WNW B . -3.76 6.20 1.14
H34 WNW B . -5.08 1.13 1.62
H33 WNW B . -5.40 1.56 0.09
H38 WNW B . -6.41 5.62 1.54
H37 WNW B . -7.19 5.46 0.15
H39 WNW B . -5.54 6.49 -1.07
H40 WNW B . -5.53 7.36 0.32
H42 WNW B . -0.45 4.11 -2.70
H43 WNW B . -4.28 4.09 -4.00
H44 WNW B . -0.57 6.51 -2.61
H45 WNW B . -4.41 6.37 -3.92
H48 WNW B . -1.95 8.55 -2.64
H47 WNW B . -3.52 8.41 -2.84
H46 WNW B . -2.57 8.57 -4.12
H27 WNW B . -2.96 1.62 1.39
H35 WNW B . -3.58 2.08 -1.25
H36 WNW B . -6.44 3.06 2.01
S SO4 C . 12.96 -8.46 -11.64
O1 SO4 C . 11.89 -9.22 -12.27
O2 SO4 C . 14.18 -9.00 -12.12
O3 SO4 C . 12.91 -8.40 -10.22
O4 SO4 C . 12.90 -7.08 -12.18
C FMT D . -9.59 -6.78 7.15
O1 FMT D . -9.88 -6.56 5.63
O2 FMT D . -8.30 -6.20 7.59
H FMT D . -10.24 -7.30 7.83
HO2 FMT D . -7.56 -6.78 7.81
S SO4 E . -10.75 2.76 -9.98
O1 SO4 E . -9.69 3.81 -10.24
O2 SO4 E . -9.99 1.65 -9.61
O3 SO4 E . -11.45 2.47 -11.23
O4 SO4 E . -11.81 3.26 -8.99
#